data_8V0Z
#
_entry.id   8V0Z
#
_cell.length_a   104.955
_cell.length_b   104.955
_cell.length_c   245.131
_cell.angle_alpha   90.00
_cell.angle_beta   90.00
_cell.angle_gamma   120.00
#
_symmetry.space_group_name_H-M   'P 61 2 2'
#
loop_
_entity.id
_entity.type
_entity.pdbx_description
1 polymer Integrase
2 non-polymer '(2S)-tert-butoxy[4-(3,4-dihydro-2H-chromen-6-yl)-2-methylquinolin-3-yl]ethanoic acid'
#
_entity_poly.entity_id   1
_entity_poly.type   'polypeptide(L)'
_entity_poly.pdbx_seq_one_letter_code
;HLDGIDKAQEEHEKAHSNWRAMASDFNLPPVVAKEIVASCDKCQLKGEAMHGQVDCSPGIWQLDCTHLEGKVILVAVHVA
SGYIEAEVIPAETGQETAYFLLKLAGRWPVKTVHTDNGSNFTSTTVKAACCWAGIKQEFGIPYNPQSQGVIESMNKELKK
IIGQVRDQAEHLKTAVQMAVFIHNHKRKGGIGGYSAGERIVDIIATDIQTKELQKQITKIQNFRVYYRDSRDPVWKGPAK
LLWKGEGAVVIQDNSDIKVVPRRKAKIIRDYGKQMAGDDCVASRQDEDCTLEY
;
_entity_poly.pdbx_strand_id   A,B
#
loop_
_chem_comp.id
_chem_comp.type
_chem_comp.name
_chem_comp.formula
LF0 non-polymer '(2S)-tert-butoxy[4-(3,4-dihydro-2H-chromen-6-yl)-2-methylquinolin-3-yl]ethanoic acid' 'C25 H27 N O4'
#
# COMPACT_ATOMS: atom_id res chain seq x y z
N ASP A 55 12.08 -3.31 13.17
CA ASP A 55 12.33 -1.85 12.95
C ASP A 55 13.13 -1.67 11.67
N CYS A 56 14.06 -2.60 11.39
CA CYS A 56 14.90 -2.61 10.19
C CYS A 56 14.19 -2.94 8.87
N SER A 57 13.28 -3.93 8.88
CA SER A 57 12.70 -4.44 7.64
C SER A 57 12.01 -3.37 6.82
N PRO A 58 11.31 -2.44 7.46
CA PRO A 58 10.63 -1.38 6.72
C PRO A 58 11.52 -0.53 5.85
N GLY A 59 11.04 -0.13 4.67
CA GLY A 59 11.77 0.77 3.77
C GLY A 59 12.90 0.09 3.04
N ILE A 60 13.07 -1.21 3.27
CA ILE A 60 14.22 -1.89 2.69
C ILE A 60 13.83 -2.59 1.41
N TRP A 61 14.58 -2.33 0.34
CA TRP A 61 14.30 -2.92 -0.98
C TRP A 61 15.53 -3.64 -1.53
N GLN A 62 15.36 -4.87 -2.06
CA GLN A 62 16.46 -5.66 -2.66
C GLN A 62 16.21 -5.75 -4.16
N LEU A 63 17.23 -5.41 -4.97
CA LEU A 63 17.11 -5.42 -6.43
C LEU A 63 18.09 -6.42 -7.03
N ASP A 64 17.63 -7.29 -7.95
CA ASP A 64 18.53 -8.25 -8.60
C ASP A 64 18.63 -8.02 -10.11
N CYS A 65 19.85 -7.91 -10.65
CA CYS A 65 20.10 -7.78 -12.09
C CYS A 65 19.79 -9.14 -12.73
N THR A 66 19.32 -9.17 -13.98
CA THR A 66 19.04 -10.43 -14.68
C THR A 66 19.88 -10.50 -15.94
N HIS A 67 20.61 -11.60 -16.12
CA HIS A 67 21.41 -11.81 -17.34
C HIS A 67 20.45 -12.71 -18.07
N LEU A 68 20.04 -12.27 -19.27
CA LEU A 68 18.96 -12.95 -19.97
C LEU A 68 19.15 -13.01 -21.47
N GLU A 69 18.40 -13.91 -22.11
CA GLU A 69 18.43 -13.98 -23.57
C GLU A 69 17.87 -12.63 -23.99
N GLY A 70 18.41 -12.05 -25.06
CA GLY A 70 18.04 -10.71 -25.49
C GLY A 70 18.38 -9.68 -24.43
N LYS A 71 17.52 -8.69 -24.22
CA LYS A 71 17.83 -7.58 -23.30
C LYS A 71 18.03 -8.00 -21.85
N VAL A 72 19.00 -7.38 -21.14
CA VAL A 72 19.19 -7.61 -19.69
C VAL A 72 18.03 -6.89 -19.01
N ILE A 73 17.64 -7.30 -17.81
CA ILE A 73 16.55 -6.67 -17.04
C ILE A 73 16.97 -6.66 -15.58
N LEU A 74 16.35 -5.82 -14.75
CA LEU A 74 16.64 -5.80 -13.30
C LEU A 74 15.32 -5.77 -12.52
N VAL A 75 15.27 -6.42 -11.35
CA VAL A 75 14.05 -6.56 -10.55
C VAL A 75 14.15 -5.83 -9.21
N ALA A 76 13.10 -5.12 -8.78
CA ALA A 76 13.09 -4.41 -7.48
C ALA A 76 11.97 -4.91 -6.55
N VAL A 77 12.29 -5.34 -5.32
CA VAL A 77 11.29 -5.77 -4.31
C VAL A 77 11.55 -5.16 -2.93
N HIS A 78 10.52 -4.75 -2.16
CA HIS A 78 10.81 -4.36 -0.76
C HIS A 78 11.16 -5.76 -0.31
N VAL A 79 12.21 -5.95 0.46
CA VAL A 79 12.61 -7.33 0.72
C VAL A 79 11.49 -8.08 1.43
N ALA A 80 10.82 -7.44 2.38
CA ALA A 80 9.69 -8.02 3.08
C ALA A 80 8.41 -8.11 2.25
N SER A 81 8.14 -7.08 1.45
CA SER A 81 6.85 -7.02 0.75
C SER A 81 6.63 -8.14 -0.21
N GLY A 82 7.67 -8.43 -1.01
CA GLY A 82 7.54 -9.44 -2.06
C GLY A 82 6.99 -8.77 -3.30
N TYR A 83 6.69 -7.47 -3.23
CA TYR A 83 6.19 -6.73 -4.40
C TYR A 83 7.27 -6.74 -5.44
N ILE A 84 6.93 -6.88 -6.71
CA ILE A 84 7.98 -6.83 -7.71
C ILE A 84 7.70 -5.74 -8.75
N GLU A 85 8.66 -4.83 -9.00
CA GLU A 85 8.58 -3.93 -10.16
C GLU A 85 9.92 -4.12 -10.89
N ALA A 86 10.02 -5.14 -11.74
CA ALA A 86 11.21 -5.35 -12.57
C ALA A 86 11.07 -4.57 -13.87
N GLU A 87 12.18 -3.99 -14.37
CA GLU A 87 12.16 -3.30 -15.66
C GLU A 87 13.14 -4.00 -16.61
N VAL A 88 12.73 -4.22 -17.86
CA VAL A 88 13.65 -4.78 -18.86
C VAL A 88 14.66 -3.67 -19.12
N ILE A 89 15.95 -4.01 -19.23
CA ILE A 89 16.96 -3.00 -19.43
C ILE A 89 17.37 -2.93 -20.90
N PRO A 90 17.11 -1.80 -21.60
CA PRO A 90 17.52 -1.69 -23.02
C PRO A 90 19.05 -1.72 -23.13
N ALA A 91 19.73 -0.96 -22.27
CA ALA A 91 21.20 -0.90 -22.23
C ALA A 91 21.54 -0.74 -20.76
N GLU A 92 22.66 -1.28 -20.28
CA GLU A 92 22.91 -1.18 -18.84
C GLU A 92 23.92 -0.10 -18.50
N THR A 93 23.46 0.95 -17.80
CA THR A 93 24.34 1.98 -17.26
C THR A 93 23.75 2.22 -15.87
N GLY A 94 24.55 2.62 -14.89
CA GLY A 94 23.99 2.91 -13.58
C GLY A 94 23.02 4.04 -13.78
N GLN A 95 23.37 4.95 -14.70
CA GLN A 95 22.52 6.12 -14.98
C GLN A 95 21.20 5.61 -15.51
N GLU A 96 21.26 4.60 -16.38
CA GLU A 96 20.06 4.03 -16.95
C GLU A 96 19.34 3.34 -15.79
N THR A 97 20.09 2.75 -14.87
CA THR A 97 19.52 2.00 -13.73
C THR A 97 18.71 2.97 -12.90
N ALA A 98 19.20 4.20 -12.80
CA ALA A 98 18.61 5.21 -11.96
C ALA A 98 17.23 5.71 -12.35
N TYR A 99 16.96 5.94 -13.64
CA TYR A 99 15.69 6.58 -13.99
C TYR A 99 14.57 5.68 -13.52
N PHE A 100 14.81 4.38 -13.61
CA PHE A 100 13.82 3.40 -13.15
C PHE A 100 13.75 3.44 -11.64
N LEU A 101 14.91 3.52 -11.00
CA LEU A 101 14.94 3.49 -9.54
C LEU A 101 14.15 4.69 -9.11
N LEU A 102 14.24 5.74 -9.92
CA LEU A 102 13.54 6.99 -9.66
C LEU A 102 12.04 6.71 -9.80
N LYS A 103 11.65 5.94 -10.84
CA LYS A 103 10.25 5.54 -11.01
C LYS A 103 9.81 4.64 -9.86
N LEU A 104 10.76 3.88 -9.30
CA LEU A 104 10.47 2.89 -8.26
C LEU A 104 10.04 3.57 -6.98
N ALA A 105 10.58 4.77 -6.73
CA ALA A 105 10.30 5.46 -5.48
C ALA A 105 8.86 5.93 -5.43
N GLY A 106 8.30 6.37 -6.56
CA GLY A 106 6.95 6.89 -6.50
C GLY A 106 5.98 5.80 -6.13
N ARG A 107 6.13 4.61 -6.70
CA ARG A 107 5.15 3.58 -6.37
C ARG A 107 5.32 3.30 -4.88
N TRP A 108 6.55 3.17 -4.39
CA TRP A 108 6.76 3.05 -2.94
C TRP A 108 8.07 3.70 -2.50
N PRO A 109 8.15 4.30 -1.30
CA PRO A 109 9.42 4.89 -0.84
C PRO A 109 10.39 3.74 -0.47
N VAL A 110 11.70 3.88 -0.68
CA VAL A 110 12.67 2.88 -0.18
C VAL A 110 13.65 3.64 0.71
N LYS A 111 13.86 3.21 1.94
CA LYS A 111 14.88 3.86 2.78
C LYS A 111 16.26 3.65 2.19
N THR A 112 16.57 2.42 1.77
CA THR A 112 17.90 2.08 1.21
C THR A 112 17.79 0.85 0.31
N VAL A 113 18.74 0.66 -0.61
CA VAL A 113 18.78 -0.59 -1.39
C VAL A 113 20.18 -1.22 -1.31
N HIS A 114 20.27 -2.51 -0.94
CA HIS A 114 21.55 -3.25 -0.99
C HIS A 114 21.83 -3.47 -2.50
N THR A 115 23.09 -3.50 -2.95
CA THR A 115 23.41 -3.75 -4.36
C THR A 115 24.07 -5.11 -4.62
N ASP A 116 23.49 -5.92 -5.53
CA ASP A 116 24.09 -7.20 -5.94
C ASP A 116 25.40 -6.98 -6.68
N ASN A 117 25.47 -5.93 -7.51
CA ASN A 117 26.65 -5.71 -8.36
C ASN A 117 27.44 -4.49 -7.95
N GLY A 118 28.73 -4.70 -7.69
CA GLY A 118 29.62 -3.61 -7.35
C GLY A 118 29.70 -2.68 -8.53
N SER A 119 29.55 -3.21 -9.75
CA SER A 119 29.62 -2.41 -10.98
C SER A 119 28.37 -1.55 -11.16
N ASN A 120 27.20 -2.09 -10.82
CA ASN A 120 26.02 -1.25 -10.88
C ASN A 120 26.26 -0.24 -9.77
N PHE A 121 27.01 -0.67 -8.74
CA PHE A 121 27.35 0.17 -7.59
C PHE A 121 28.38 1.23 -8.01
N THR A 122 29.30 0.87 -8.91
CA THR A 122 30.39 1.77 -9.29
C THR A 122 29.86 2.98 -10.02
N SER A 123 28.76 2.86 -10.77
CA SER A 123 28.35 4.01 -11.57
C SER A 123 28.08 5.18 -10.67
N THR A 124 28.63 6.33 -11.04
CA THR A 124 28.54 7.55 -10.23
C THR A 124 27.11 8.00 -10.09
N THR A 125 26.35 7.86 -11.17
CA THR A 125 24.97 8.32 -11.17
C THR A 125 24.23 7.40 -10.23
N VAL A 126 24.59 6.13 -10.21
CA VAL A 126 23.85 5.17 -9.40
C VAL A 126 24.01 5.60 -7.95
N LYS A 127 25.23 6.01 -7.58
CA LYS A 127 25.50 6.47 -6.24
C LYS A 127 24.81 7.83 -6.06
N ALA A 128 24.79 8.62 -7.14
CA ALA A 128 24.26 9.99 -7.11
C ALA A 128 22.80 9.97 -6.76
N ALA A 129 22.15 8.91 -7.20
CA ALA A 129 20.74 8.77 -6.98
C ALA A 129 20.50 8.47 -5.52
N CYS A 130 21.41 7.70 -4.90
CA CYS A 130 21.15 7.28 -3.52
C CYS A 130 21.05 8.52 -2.67
N CYS A 131 21.83 9.57 -2.97
CA CYS A 131 21.71 10.84 -2.22
C CYS A 131 20.42 11.61 -2.49
N TRP A 132 19.92 11.70 -3.73
CA TRP A 132 18.68 12.48 -3.92
C TRP A 132 17.60 11.79 -3.14
N ALA A 133 17.51 10.47 -3.31
CA ALA A 133 16.57 9.63 -2.60
C ALA A 133 16.81 9.81 -1.12
N GLY A 134 18.09 9.78 -0.74
CA GLY A 134 18.46 9.75 0.66
C GLY A 134 18.63 8.26 0.96
N ILE A 135 18.53 7.42 -0.07
CA ILE A 135 18.79 5.98 0.08
C ILE A 135 20.29 5.85 0.22
N LYS A 136 20.74 4.89 1.03
CA LYS A 136 22.16 4.65 1.22
C LYS A 136 22.44 3.33 0.52
N GLN A 137 23.47 3.29 -0.32
CA GLN A 137 23.84 2.04 -0.97
C GLN A 137 24.31 1.17 0.20
N GLU A 138 23.87 -0.10 0.27
CA GLU A 138 24.21 -0.98 1.39
C GLU A 138 25.27 -1.98 0.92
N PHE A 139 26.36 -2.10 1.68
CA PHE A 139 27.49 -2.97 1.32
C PHE A 139 26.98 -4.29 0.74
N GLN A 146 20.82 -18.05 -0.72
CA GLN A 146 20.03 -19.23 -1.12
C GLN A 146 18.62 -18.81 -1.51
N SER A 147 17.88 -18.22 -0.55
CA SER A 147 16.49 -17.81 -0.78
C SER A 147 16.31 -16.73 -1.84
N GLN A 148 17.19 -15.71 -1.87
CA GLN A 148 17.12 -14.66 -2.91
C GLN A 148 17.46 -15.34 -4.23
N GLY A 149 18.30 -16.37 -4.16
CA GLY A 149 18.64 -17.15 -5.35
C GLY A 149 17.38 -17.90 -5.72
N VAL A 150 16.59 -18.29 -4.71
CA VAL A 150 15.31 -18.98 -4.93
C VAL A 150 14.28 -17.96 -5.41
N ILE A 151 14.46 -16.67 -5.10
CA ILE A 151 13.55 -15.59 -5.54
C ILE A 151 13.83 -15.32 -7.02
N GLU A 152 15.11 -15.35 -7.40
CA GLU A 152 15.48 -15.20 -8.80
C GLU A 152 15.00 -16.48 -9.48
N SER A 153 15.05 -17.61 -8.76
CA SER A 153 14.57 -18.89 -9.26
C SER A 153 13.07 -18.80 -9.39
N MET A 154 12.43 -18.00 -8.52
CA MET A 154 10.99 -17.80 -8.57
C MET A 154 10.75 -16.95 -9.80
N ASN A 155 11.71 -16.08 -10.14
CA ASN A 155 11.60 -15.27 -11.34
C ASN A 155 11.77 -16.23 -12.50
N LYS A 156 12.55 -17.30 -12.29
CA LYS A 156 12.75 -18.34 -13.30
C LYS A 156 11.47 -19.16 -13.46
N GLU A 157 10.79 -19.43 -12.34
CA GLU A 157 9.51 -20.14 -12.39
C GLU A 157 8.59 -19.18 -13.10
N LEU A 158 8.81 -17.88 -12.83
CA LEU A 158 8.02 -16.83 -13.45
C LEU A 158 8.39 -16.86 -14.92
N LYS A 159 9.67 -17.13 -15.18
CA LYS A 159 10.15 -17.18 -16.55
C LYS A 159 9.55 -18.42 -17.18
N LYS A 160 9.28 -19.46 -16.39
CA LYS A 160 8.68 -20.70 -16.90
C LYS A 160 7.24 -20.47 -17.29
N ILE A 161 6.53 -19.72 -16.47
CA ILE A 161 5.15 -19.35 -16.77
C ILE A 161 5.28 -18.35 -17.89
N ILE A 162 6.42 -17.66 -17.91
CA ILE A 162 6.67 -16.67 -18.93
C ILE A 162 6.89 -17.52 -20.14
N GLY A 163 7.43 -18.73 -19.95
CA GLY A 163 7.64 -19.66 -21.03
C GLY A 163 6.27 -20.12 -21.46
N GLN A 164 5.40 -20.37 -20.47
CA GLN A 164 4.06 -20.81 -20.76
C GLN A 164 3.42 -19.72 -21.63
N VAL A 165 3.76 -18.46 -21.37
CA VAL A 165 3.24 -17.33 -22.14
C VAL A 165 4.25 -16.89 -23.19
N ARG A 166 5.38 -17.60 -23.29
CA ARG A 166 6.44 -17.16 -24.19
C ARG A 166 5.81 -17.19 -25.55
N ASP A 167 5.00 -18.23 -25.77
CA ASP A 167 4.29 -18.34 -27.03
C ASP A 167 3.34 -17.17 -27.09
N GLN A 168 2.80 -16.78 -25.94
CA GLN A 168 1.79 -15.72 -25.93
C GLN A 168 2.38 -14.38 -26.33
N ALA A 169 3.56 -14.01 -25.81
CA ALA A 169 4.12 -12.69 -26.13
C ALA A 169 5.45 -12.77 -26.81
N GLU A 170 5.60 -12.09 -27.94
CA GLU A 170 6.89 -12.05 -28.59
C GLU A 170 7.84 -11.28 -27.68
N HIS A 171 7.35 -10.23 -27.02
CA HIS A 171 8.26 -9.41 -26.25
C HIS A 171 8.57 -10.04 -24.92
N LEU A 172 9.83 -10.35 -24.69
CA LEU A 172 10.29 -10.96 -23.44
C LEU A 172 9.86 -10.03 -22.31
N LYS A 173 9.95 -8.72 -22.55
CA LYS A 173 9.67 -7.74 -21.52
C LYS A 173 8.26 -7.90 -21.07
N THR A 174 7.38 -8.13 -22.02
CA THR A 174 5.97 -8.22 -21.66
C THR A 174 5.87 -9.35 -20.69
N ALA A 175 6.56 -10.44 -21.00
CA ALA A 175 6.48 -11.63 -20.17
C ALA A 175 6.96 -11.31 -18.79
N VAL A 176 7.98 -10.49 -18.71
CA VAL A 176 8.57 -10.19 -17.41
C VAL A 176 7.61 -9.37 -16.58
N GLN A 177 6.96 -8.41 -17.24
CA GLN A 177 6.04 -7.53 -16.54
C GLN A 177 4.88 -8.39 -16.08
N MET A 178 4.51 -9.36 -16.92
CA MET A 178 3.40 -10.25 -16.59
C MET A 178 3.85 -11.06 -15.40
N ALA A 179 5.11 -11.49 -15.44
CA ALA A 179 5.65 -12.32 -14.39
C ALA A 179 5.53 -11.49 -13.13
N VAL A 180 5.73 -10.19 -13.28
CA VAL A 180 5.66 -9.31 -12.12
C VAL A 180 4.22 -9.34 -11.65
N PHE A 181 3.29 -9.28 -12.61
CA PHE A 181 1.88 -9.28 -12.27
C PHE A 181 1.61 -10.59 -11.60
N ILE A 182 2.40 -11.59 -11.96
CA ILE A 182 2.21 -12.94 -11.44
C ILE A 182 2.67 -13.00 -9.99
N HIS A 183 3.80 -12.37 -9.64
CA HIS A 183 4.19 -12.41 -8.24
C HIS A 183 3.08 -11.68 -7.53
N ASN A 184 2.58 -10.64 -8.19
CA ASN A 184 1.50 -9.82 -7.66
C ASN A 184 0.17 -10.57 -7.78
N HIS A 185 -0.84 -10.18 -6.98
CA HIS A 185 -2.17 -10.77 -7.10
C HIS A 185 -2.05 -12.30 -7.09
N LYS A 186 -1.15 -12.82 -6.25
CA LYS A 186 -0.90 -14.26 -6.13
C LYS A 186 -1.34 -14.77 -4.76
N ARG A 187 -2.10 -15.89 -4.70
CA ARG A 187 -2.62 -16.47 -3.43
C ARG A 187 -2.07 -17.88 -3.25
N LYS A 188 -1.50 -18.17 -2.07
CA LYS A 188 -0.86 -19.49 -1.82
C LYS A 188 -1.89 -20.58 -1.91
N GLY A 189 -1.52 -21.74 -2.48
CA GLY A 189 -2.43 -22.89 -2.52
C GLY A 189 -2.67 -23.28 -1.07
N GLY A 190 -1.61 -23.29 -0.25
CA GLY A 190 -1.76 -23.53 1.19
C GLY A 190 -2.58 -22.34 1.67
N ILE A 191 -3.52 -22.52 2.59
CA ILE A 191 -4.35 -21.36 2.91
C ILE A 191 -3.44 -20.32 3.53
N GLY A 192 -3.55 -19.06 3.09
CA GLY A 192 -2.80 -17.96 3.69
C GLY A 192 -3.76 -16.88 4.15
N GLY A 193 -3.69 -16.44 5.40
CA GLY A 193 -4.54 -15.34 5.84
C GLY A 193 -4.23 -14.14 4.99
N TYR A 194 -2.93 -13.88 4.78
CA TYR A 194 -2.47 -12.71 4.02
C TYR A 194 -1.71 -13.19 2.79
N SER A 195 -2.01 -12.59 1.63
CA SER A 195 -1.27 -12.93 0.41
C SER A 195 0.07 -12.17 0.47
N ALA A 196 1.16 -12.74 -0.04
CA ALA A 196 2.44 -12.02 -0.06
C ALA A 196 2.38 -11.07 -1.25
N GLY A 197 1.59 -11.46 -2.25
CA GLY A 197 1.38 -10.63 -3.43
C GLY A 197 0.66 -9.45 -2.86
N GLU A 198 -0.15 -9.71 -1.84
CA GLU A 198 -0.83 -8.64 -1.16
C GLU A 198 0.18 -8.18 -0.12
N ARG A 199 1.33 -7.71 -0.59
CA ARG A 199 2.36 -7.13 0.30
C ARG A 199 1.60 -6.02 0.97
N ILE A 200 1.87 -5.70 2.23
CA ILE A 200 1.02 -4.69 2.82
C ILE A 200 1.67 -3.34 2.93
N VAL A 201 1.18 -2.39 2.12
CA VAL A 201 1.57 -0.99 2.21
C VAL A 201 1.11 -0.65 3.61
N ASP A 202 0.09 -1.39 4.05
CA ASP A 202 -0.57 -1.13 5.33
C ASP A 202 0.35 -1.44 6.46
N ILE A 203 1.13 -2.52 6.41
CA ILE A 203 1.99 -2.81 7.54
C ILE A 203 3.05 -1.72 7.50
N ILE A 204 3.17 -1.05 6.34
CA ILE A 204 4.10 0.07 6.23
C ILE A 204 3.32 1.32 6.61
N ALA A 205 1.98 1.23 6.65
CA ALA A 205 1.10 2.34 7.00
C ALA A 205 0.72 2.23 8.46
N THR A 206 0.92 1.05 9.06
CA THR A 206 0.66 0.85 10.47
C THR A 206 1.75 1.63 11.14
N ASP A 207 2.99 1.32 10.78
CA ASP A 207 4.14 2.06 11.27
C ASP A 207 3.89 3.52 10.92
N ILE A 208 3.12 3.80 9.86
CA ILE A 208 2.77 5.17 9.48
C ILE A 208 1.87 5.73 10.57
N GLN A 209 1.09 4.83 11.17
CA GLN A 209 0.22 5.22 12.26
C GLN A 209 1.16 5.24 13.44
N THR A 210 2.21 4.42 13.36
CA THR A 210 3.17 4.27 14.44
C THR A 210 4.01 5.52 14.54
N LYS A 211 4.28 6.17 13.41
CA LYS A 211 5.13 7.35 13.46
C LYS A 211 4.33 8.42 14.15
N GLU A 212 3.03 8.50 13.84
CA GLU A 212 2.18 9.49 14.48
C GLU A 212 2.01 9.05 15.92
N LEU A 213 2.06 7.74 16.15
CA LEU A 213 1.87 7.18 17.48
C LEU A 213 3.05 7.56 18.33
N GLN A 214 4.25 7.38 17.78
CA GLN A 214 5.45 7.69 18.49
C GLN A 214 5.43 9.17 18.72
N LYS A 215 4.84 9.90 17.76
CA LYS A 215 4.81 11.35 17.85
C LYS A 215 3.95 11.69 19.05
N GLN A 216 2.84 10.98 19.20
CA GLN A 216 1.99 11.20 20.35
C GLN A 216 2.78 10.70 21.54
N ILE A 217 3.60 9.67 21.31
CA ILE A 217 4.37 9.05 22.39
C ILE A 217 5.41 10.02 22.88
N THR A 218 5.94 10.83 21.98
CA THR A 218 7.00 11.77 22.34
C THR A 218 6.47 12.90 23.18
N LYS A 219 5.28 13.41 22.86
CA LYS A 219 4.71 14.54 23.61
C LYS A 219 4.44 14.13 25.04
N ILE A 220 4.01 12.87 25.22
CA ILE A 220 3.74 12.35 26.57
C ILE A 220 5.07 12.17 27.27
N GLN A 221 6.07 11.72 26.51
CA GLN A 221 7.40 11.51 27.03
C GLN A 221 7.94 12.89 27.39
N ASN A 222 7.59 13.90 26.59
CA ASN A 222 8.11 15.26 26.81
C ASN A 222 7.61 15.79 28.14
N PHE A 223 6.32 15.57 28.45
CA PHE A 223 5.78 15.99 29.76
C PHE A 223 6.35 15.10 30.86
N ARG A 224 6.81 15.70 31.98
CA ARG A 224 7.27 14.95 33.17
C ARG A 224 6.31 15.29 34.31
N VAL A 225 5.67 14.29 34.92
CA VAL A 225 4.72 14.53 36.03
C VAL A 225 5.36 13.96 37.29
N TYR A 226 5.34 14.74 38.38
CA TYR A 226 5.97 14.36 39.66
C TYR A 226 4.85 14.27 40.70
N TYR A 227 4.91 13.25 41.58
CA TYR A 227 3.83 12.99 42.55
C TYR A 227 4.39 12.68 43.91
N ARG A 228 3.51 12.63 44.90
CA ARG A 228 3.90 12.36 46.29
C ARG A 228 3.03 11.27 46.86
N ASP A 229 3.61 10.11 47.22
CA ASP A 229 2.81 9.04 47.88
C ASP A 229 2.20 9.80 49.05
N SER A 230 1.08 9.33 49.60
CA SER A 230 0.36 10.10 50.63
C SER A 230 1.07 10.05 51.96
N ARG A 231 1.25 11.22 52.60
CA ARG A 231 1.90 11.33 53.91
C ARG A 231 3.34 10.87 53.76
N ASP A 232 4.04 11.42 52.77
CA ASP A 232 5.44 11.07 52.53
C ASP A 232 6.27 12.35 52.54
N PRO A 233 7.32 12.43 53.35
CA PRO A 233 8.16 13.63 53.33
C PRO A 233 8.70 13.55 51.91
N VAL A 234 9.16 12.36 51.49
CA VAL A 234 9.73 12.14 50.15
C VAL A 234 8.71 12.44 49.07
N TRP A 235 9.14 13.06 47.95
CA TRP A 235 8.27 13.37 46.78
C TRP A 235 8.73 12.43 45.68
N LYS A 236 7.81 11.68 45.03
CA LYS A 236 8.20 10.63 44.09
C LYS A 236 8.84 11.21 42.81
N GLY A 237 9.99 10.66 42.37
CA GLY A 237 10.78 11.13 41.19
C GLY A 237 10.11 11.02 39.83
N PRO A 238 10.54 11.77 38.79
CA PRO A 238 9.87 11.68 37.48
C PRO A 238 9.91 10.31 36.85
N ALA A 239 8.84 9.92 36.15
CA ALA A 239 8.74 8.64 35.42
C ALA A 239 7.61 8.80 34.38
N LYS A 240 7.62 8.00 33.30
CA LYS A 240 6.59 8.05 32.23
C LYS A 240 5.24 7.71 32.87
N LEU A 241 4.17 8.44 32.54
CA LEU A 241 2.86 8.23 33.17
C LEU A 241 2.01 7.40 32.24
N LEU A 242 1.45 6.32 32.77
CA LEU A 242 0.65 5.42 31.97
C LEU A 242 -0.64 6.07 31.44
N TRP A 243 -1.31 6.91 32.24
CA TRP A 243 -2.61 7.50 31.82
C TRP A 243 -2.93 8.84 32.45
N LYS A 244 -3.86 9.60 31.85
CA LYS A 244 -4.37 10.85 32.46
C LYS A 244 -5.90 10.73 32.55
N GLY A 245 -6.50 11.06 33.71
CA GLY A 245 -7.96 11.10 33.86
C GLY A 245 -8.34 12.28 34.74
N GLU A 246 -9.56 12.85 34.63
CA GLU A 246 -9.93 13.92 35.56
C GLU A 246 -10.11 13.24 36.92
N GLY A 247 -10.66 12.01 36.92
CA GLY A 247 -10.74 11.24 38.14
C GLY A 247 -9.41 10.72 38.69
N ALA A 248 -8.50 10.23 37.82
CA ALA A 248 -7.22 9.62 38.28
C ALA A 248 -6.12 9.70 37.23
N VAL A 249 -4.84 9.59 37.64
CA VAL A 249 -3.72 9.58 36.68
C VAL A 249 -2.87 8.30 36.87
N VAL A 250 -2.54 7.59 35.78
CA VAL A 250 -1.83 6.30 35.88
C VAL A 250 -0.38 6.51 35.48
N ILE A 251 0.55 5.86 36.19
CA ILE A 251 1.99 6.11 35.98
C ILE A 251 2.74 4.82 35.80
N GLN A 252 3.89 4.90 35.13
CA GLN A 252 4.72 3.74 34.81
C GLN A 252 6.09 3.93 35.45
N ASP A 253 6.66 2.87 36.05
CA ASP A 253 7.98 2.91 36.69
C ASP A 253 8.82 1.75 36.14
N ASN A 254 10.14 1.91 36.05
CA ASN A 254 11.05 0.85 35.54
C ASN A 254 11.90 0.35 36.70
N SER A 255 11.90 -0.96 36.94
CA SER A 255 12.58 -1.60 38.06
C SER A 255 11.67 -1.37 39.27
N ASP A 256 10.50 -0.75 39.03
CA ASP A 256 9.45 -0.53 40.06
C ASP A 256 8.13 -0.34 39.30
N ILE A 257 6.96 -0.47 39.95
CA ILE A 257 5.67 -0.14 39.30
C ILE A 257 4.83 0.74 40.24
N LYS A 258 4.17 1.80 39.72
CA LYS A 258 3.25 2.65 40.54
C LYS A 258 2.08 3.21 39.70
N VAL A 259 0.93 3.59 40.31
CA VAL A 259 -0.23 4.27 39.63
C VAL A 259 -0.76 5.30 40.62
N VAL A 260 -1.44 6.39 40.19
CA VAL A 260 -1.84 7.45 41.14
C VAL A 260 -3.19 8.15 40.96
N PRO A 261 -3.66 8.86 42.00
CA PRO A 261 -4.91 9.63 41.91
C PRO A 261 -4.53 10.88 41.08
N ARG A 262 -5.51 11.53 40.46
CA ARG A 262 -5.30 12.72 39.64
C ARG A 262 -4.90 13.95 40.48
N ARG A 263 -5.36 14.04 41.74
CA ARG A 263 -5.08 15.24 42.57
C ARG A 263 -3.60 15.24 42.93
N LYS A 264 -3.06 14.06 43.21
CA LYS A 264 -1.65 13.93 43.52
C LYS A 264 -0.96 14.34 42.22
N ALA A 265 -1.60 14.02 41.08
CA ALA A 265 -1.12 14.36 39.72
C ALA A 265 -1.27 15.86 39.40
N LYS A 266 -0.40 16.39 38.52
CA LYS A 266 -0.35 17.83 38.15
C LYS A 266 -0.32 17.99 36.64
N ILE A 267 -0.64 19.20 36.14
CA ILE A 267 -0.74 19.47 34.67
C ILE A 267 0.36 20.46 34.29
N ILE A 268 1.12 20.16 33.21
CA ILE A 268 2.29 20.96 32.79
C ILE A 268 2.06 21.64 31.44
N ARG A 269 2.66 22.81 31.21
CA ARG A 269 2.59 23.49 29.90
C ARG A 269 3.74 22.86 29.09
N ASP A 270 3.58 22.68 27.77
CA ASP A 270 4.56 21.95 26.97
C ASP A 270 5.94 22.56 26.87
N TYR A 271 6.98 21.78 27.22
CA TYR A 271 8.38 22.19 27.05
C TYR A 271 8.93 21.27 25.95
N GLY A 272 9.43 21.83 24.82
CA GLY A 272 9.85 21.06 23.64
C GLY A 272 11.36 20.91 23.48
N LYS A 273 11.86 19.70 23.22
CA LYS A 273 13.32 19.43 23.16
C LYS A 273 13.79 19.17 21.73
N GLN A 274 14.86 19.86 21.29
CA GLN A 274 15.42 19.73 19.93
C GLN A 274 14.47 20.18 18.82
N MET A 275 13.64 21.21 19.08
CA MET A 275 12.71 21.79 18.07
C MET A 275 12.42 20.81 16.94
N CYS B 56 -14.47 0.01 -4.24
CA CYS B 56 -14.72 0.06 -5.71
C CYS B 56 -14.07 1.30 -6.29
N SER B 57 -14.18 2.44 -5.59
CA SER B 57 -13.60 3.71 -6.02
C SER B 57 -12.09 3.51 -6.13
N PRO B 58 -11.48 2.78 -5.18
CA PRO B 58 -10.05 2.51 -5.25
C PRO B 58 -9.70 1.73 -6.51
N GLY B 59 -10.60 0.88 -6.97
CA GLY B 59 -10.23 0.05 -8.10
C GLY B 59 -10.07 0.84 -9.37
N ILE B 60 -10.97 1.78 -9.64
CA ILE B 60 -10.88 2.50 -10.92
C ILE B 60 -9.65 3.41 -10.95
N TRP B 61 -8.97 3.53 -12.10
CA TRP B 61 -7.86 4.48 -12.30
C TRP B 61 -8.23 5.29 -13.56
N GLN B 62 -8.01 6.61 -13.64
CA GLN B 62 -8.42 7.45 -14.82
C GLN B 62 -7.19 8.05 -15.49
N LEU B 63 -7.03 7.88 -16.80
CA LEU B 63 -5.83 8.34 -17.52
C LEU B 63 -6.04 9.28 -18.71
N ASP B 64 -5.43 10.49 -18.69
CA ASP B 64 -5.40 11.41 -19.87
C ASP B 64 -3.92 11.69 -20.12
N CYS B 65 -3.42 11.56 -21.38
CA CYS B 65 -2.00 11.90 -21.68
C CYS B 65 -1.91 12.99 -22.77
N THR B 66 -1.12 14.05 -22.55
CA THR B 66 -0.91 15.15 -23.53
C THR B 66 0.58 15.24 -23.89
N HIS B 67 0.91 15.32 -25.19
CA HIS B 67 2.32 15.43 -25.64
C HIS B 67 2.91 16.77 -25.20
N LEU B 68 4.19 16.78 -24.85
CA LEU B 68 4.90 18.00 -24.44
C LEU B 68 6.21 18.14 -25.21
N GLU B 69 6.45 19.29 -25.84
CA GLU B 69 7.74 19.50 -26.51
C GLU B 69 7.84 18.36 -27.51
N GLY B 70 6.71 18.03 -28.14
CA GLY B 70 6.63 16.94 -29.11
C GLY B 70 6.58 15.58 -28.44
N LYS B 71 7.61 15.22 -27.66
CA LYS B 71 7.66 13.88 -27.05
C LYS B 71 6.42 13.73 -26.19
N VAL B 72 5.76 12.56 -26.21
CA VAL B 72 4.51 12.43 -25.45
C VAL B 72 4.77 11.59 -24.21
N ILE B 73 4.42 12.14 -23.04
CA ILE B 73 4.56 11.43 -21.76
C ILE B 73 3.36 10.51 -21.59
N LEU B 74 3.55 9.36 -20.93
CA LEU B 74 2.41 8.48 -20.63
C LEU B 74 2.11 8.80 -19.18
N VAL B 75 0.83 8.92 -18.84
CA VAL B 75 0.37 9.32 -17.50
C VAL B 75 -0.67 8.33 -16.98
N ALA B 76 -0.52 7.85 -15.73
CA ALA B 76 -1.45 6.87 -15.15
C ALA B 76 -1.93 7.27 -13.74
N VAL B 77 -2.83 8.25 -13.66
CA VAL B 77 -3.42 8.69 -12.38
C VAL B 77 -4.37 7.63 -11.77
N HIS B 78 -4.35 7.45 -10.45
CA HIS B 78 -5.37 6.63 -9.76
C HIS B 78 -6.17 7.76 -9.15
N VAL B 79 -7.44 7.89 -9.50
CA VAL B 79 -8.17 9.04 -9.00
C VAL B 79 -8.34 9.03 -7.49
N ALA B 80 -8.76 7.90 -6.94
CA ALA B 80 -9.06 7.88 -5.52
C ALA B 80 -7.81 8.18 -4.75
N SER B 81 -6.73 7.50 -5.13
CA SER B 81 -5.46 7.73 -4.47
C SER B 81 -5.05 9.15 -4.67
N GLY B 82 -5.22 9.60 -5.91
CA GLY B 82 -4.76 10.91 -6.31
C GLY B 82 -3.31 10.72 -6.72
N TYR B 83 -2.77 9.49 -6.56
CA TYR B 83 -1.38 9.16 -6.97
C TYR B 83 -1.34 9.10 -8.49
N ILE B 84 -0.20 9.43 -9.09
CA ILE B 84 -0.06 9.27 -10.55
C ILE B 84 1.25 8.54 -10.85
N GLU B 85 1.25 7.58 -11.78
CA GLU B 85 2.53 7.02 -12.25
C GLU B 85 2.51 7.37 -13.73
N ALA B 86 3.52 8.07 -14.24
CA ALA B 86 3.59 8.46 -15.65
C ALA B 86 4.93 7.93 -16.18
N GLU B 87 4.95 7.31 -17.38
CA GLU B 87 6.24 6.90 -17.94
C GLU B 87 6.41 7.56 -19.30
N VAL B 88 7.57 8.18 -19.56
CA VAL B 88 7.85 8.73 -20.89
C VAL B 88 8.06 7.47 -21.71
N ILE B 89 7.53 7.44 -22.94
CA ILE B 89 7.59 6.21 -23.74
C ILE B 89 8.61 6.44 -24.84
N PRO B 90 9.50 5.46 -25.08
CA PRO B 90 10.52 5.67 -26.09
C PRO B 90 9.72 5.92 -27.33
N ALA B 91 8.63 5.17 -27.53
CA ALA B 91 7.72 5.34 -28.69
C ALA B 91 6.29 5.31 -28.17
N GLU B 92 5.33 5.99 -28.84
CA GLU B 92 3.95 6.05 -28.35
C GLU B 92 3.05 5.24 -29.27
N THR B 93 2.29 4.30 -28.69
CA THR B 93 1.35 3.46 -29.42
C THR B 93 0.32 2.95 -28.42
N GLY B 94 -0.75 2.31 -28.88
CA GLY B 94 -1.70 1.74 -27.95
C GLY B 94 -1.00 0.60 -27.25
N GLN B 95 -0.24 -0.21 -28.00
CA GLN B 95 0.46 -1.35 -27.42
C GLN B 95 1.39 -0.79 -26.38
N GLU B 96 2.03 0.32 -26.73
CA GLU B 96 2.95 0.97 -25.82
C GLU B 96 2.12 1.37 -24.62
N THR B 97 0.91 1.86 -24.88
CA THR B 97 0.05 2.34 -23.80
C THR B 97 -0.17 1.14 -22.92
N ALA B 98 -0.31 -0.01 -23.56
CA ALA B 98 -0.62 -1.23 -22.85
C ALA B 98 0.46 -1.63 -21.87
N TYR B 99 1.72 -1.48 -22.26
CA TYR B 99 2.78 -2.00 -21.41
C TYR B 99 2.87 -1.30 -20.07
N PHE B 100 2.66 0.02 -20.07
CA PHE B 100 2.80 0.80 -18.82
C PHE B 100 1.71 0.35 -17.89
N LEU B 101 0.56 0.03 -18.47
CA LEU B 101 -0.58 -0.35 -17.67
C LEU B 101 -0.26 -1.67 -17.05
N LEU B 102 0.44 -2.54 -17.79
CA LEU B 102 0.78 -3.85 -17.27
C LEU B 102 1.67 -3.65 -16.05
N LYS B 103 2.57 -2.68 -16.15
CA LYS B 103 3.48 -2.37 -15.05
C LYS B 103 2.65 -1.83 -13.89
N LEU B 104 1.69 -0.96 -14.21
CA LEU B 104 0.84 -0.34 -13.20
C LEU B 104 0.08 -1.47 -12.52
N ALA B 105 -0.28 -2.48 -13.30
CA ALA B 105 -1.08 -3.56 -12.75
C ALA B 105 -0.20 -4.27 -11.76
N GLY B 106 1.10 -4.31 -12.05
CA GLY B 106 1.94 -5.05 -11.14
C GLY B 106 1.99 -4.30 -9.84
N ARG B 107 2.08 -2.98 -9.87
CA ARG B 107 2.19 -2.29 -8.58
C ARG B 107 0.88 -2.44 -7.83
N TRP B 108 -0.25 -2.22 -8.52
CA TRP B 108 -1.55 -2.32 -7.87
C TRP B 108 -2.65 -2.84 -8.80
N PRO B 109 -3.71 -3.51 -8.27
CA PRO B 109 -4.80 -3.97 -9.15
C PRO B 109 -5.64 -2.72 -9.51
N VAL B 110 -6.24 -2.64 -10.71
CA VAL B 110 -7.19 -1.54 -11.01
C VAL B 110 -8.49 -2.23 -11.42
N LYS B 111 -9.63 -1.87 -10.87
CA LYS B 111 -10.88 -2.49 -11.33
C LYS B 111 -11.26 -1.98 -12.71
N THR B 112 -11.02 -0.70 -12.99
CA THR B 112 -11.46 -0.12 -14.28
C THR B 112 -10.78 1.20 -14.64
N VAL B 113 -10.79 1.56 -15.93
CA VAL B 113 -10.32 2.89 -16.38
C VAL B 113 -11.37 3.35 -17.40
N HIS B 114 -11.60 4.66 -17.59
CA HIS B 114 -12.55 5.15 -18.61
C HIS B 114 -11.94 6.06 -19.67
N THR B 115 -12.26 5.84 -20.95
CA THR B 115 -11.93 6.80 -22.01
C THR B 115 -13.23 6.88 -22.82
N ASP B 116 -13.80 8.05 -23.12
CA ASP B 116 -14.99 8.03 -23.98
C ASP B 116 -14.42 7.44 -25.28
N ASN B 117 -13.19 7.84 -25.65
CA ASN B 117 -12.44 7.18 -26.73
C ASN B 117 -10.95 7.51 -26.54
N GLY B 118 -10.01 6.64 -26.96
CA GLY B 118 -8.58 6.99 -26.97
C GLY B 118 -7.96 6.43 -28.25
N SER B 119 -6.86 6.96 -28.78
CA SER B 119 -6.20 6.35 -29.95
C SER B 119 -5.52 5.04 -29.53
N ASN B 120 -4.94 5.04 -28.34
CA ASN B 120 -4.33 3.84 -27.80
C ASN B 120 -5.51 2.92 -27.49
N PHE B 121 -6.59 3.54 -27.01
CA PHE B 121 -7.82 2.83 -26.63
C PHE B 121 -8.48 2.23 -27.86
N THR B 122 -8.45 2.98 -28.97
CA THR B 122 -9.12 2.54 -30.18
C THR B 122 -8.37 1.28 -30.53
N SER B 123 -7.05 1.28 -30.38
CA SER B 123 -6.31 0.07 -30.76
C SER B 123 -6.84 -1.05 -29.91
N THR B 124 -7.58 -1.97 -30.55
CA THR B 124 -8.23 -3.10 -29.88
C THR B 124 -7.23 -3.69 -28.91
N THR B 125 -5.94 -3.60 -29.24
CA THR B 125 -4.87 -4.22 -28.47
C THR B 125 -4.86 -3.75 -27.02
N VAL B 126 -5.16 -2.48 -26.79
CA VAL B 126 -5.05 -1.94 -25.45
C VAL B 126 -6.10 -2.59 -24.55
N LYS B 127 -7.27 -2.89 -25.11
CA LYS B 127 -8.35 -3.48 -24.33
C LYS B 127 -7.96 -4.85 -23.82
N ALA B 128 -7.39 -5.66 -24.70
CA ALA B 128 -7.11 -7.05 -24.40
C ALA B 128 -6.24 -7.19 -23.18
N ALA B 129 -5.41 -6.19 -22.97
CA ALA B 129 -4.47 -6.28 -21.88
C ALA B 129 -5.27 -6.02 -20.62
N CYS B 130 -6.07 -4.95 -20.65
CA CYS B 130 -6.83 -4.58 -19.46
C CYS B 130 -7.57 -5.79 -19.03
N CYS B 131 -7.88 -6.66 -19.98
CA CYS B 131 -8.60 -7.91 -19.69
C CYS B 131 -7.70 -8.95 -19.06
N TRP B 132 -6.52 -9.22 -19.61
CA TRP B 132 -5.65 -10.17 -18.93
C TRP B 132 -5.52 -9.67 -17.51
N ALA B 133 -5.59 -8.35 -17.36
CA ALA B 133 -5.54 -7.68 -16.07
C ALA B 133 -6.77 -7.98 -15.22
N GLY B 134 -7.96 -7.82 -15.81
CA GLY B 134 -9.21 -7.93 -15.09
C GLY B 134 -9.66 -6.53 -14.74
N ILE B 135 -8.98 -5.54 -15.30
CA ILE B 135 -9.39 -4.13 -15.12
C ILE B 135 -10.41 -3.97 -16.25
N LYS B 136 -11.29 -2.96 -16.20
CA LYS B 136 -12.32 -2.85 -17.22
C LYS B 136 -12.34 -1.47 -17.86
N GLN B 137 -12.18 -1.41 -19.19
CA GLN B 137 -12.23 -0.16 -19.96
C GLN B 137 -13.61 0.46 -19.80
N GLU B 138 -13.72 1.79 -19.80
CA GLU B 138 -15.01 2.49 -19.70
C GLU B 138 -14.94 3.71 -20.63
N ASN B 144 -19.27 13.93 -10.09
CA ASN B 144 -18.43 14.78 -9.21
C ASN B 144 -17.98 16.00 -10.04
N PRO B 145 -18.82 17.04 -10.15
CA PRO B 145 -18.48 18.22 -10.95
C PRO B 145 -17.23 18.94 -10.53
N GLN B 146 -17.01 19.04 -9.22
CA GLN B 146 -15.83 19.74 -8.69
C GLN B 146 -14.63 18.90 -9.10
N SER B 147 -14.81 17.57 -9.12
CA SER B 147 -13.75 16.64 -9.54
C SER B 147 -13.46 16.72 -11.03
N GLN B 148 -14.50 16.85 -11.87
CA GLN B 148 -14.32 16.83 -13.33
C GLN B 148 -13.42 17.98 -13.74
N GLY B 149 -13.58 19.14 -13.09
CA GLY B 149 -12.73 20.29 -13.35
C GLY B 149 -11.28 20.01 -12.95
N VAL B 150 -11.08 19.35 -11.80
CA VAL B 150 -9.74 19.11 -11.25
C VAL B 150 -8.86 18.24 -12.13
N ILE B 151 -9.41 17.22 -12.81
CA ILE B 151 -8.58 16.24 -13.53
C ILE B 151 -7.71 16.88 -14.60
N GLU B 152 -8.25 17.85 -15.34
CA GLU B 152 -7.45 18.54 -16.36
C GLU B 152 -6.44 19.37 -15.60
N SER B 153 -6.87 19.95 -14.46
CA SER B 153 -6.00 20.80 -13.65
C SER B 153 -4.84 19.99 -13.08
N MET B 154 -5.09 18.73 -12.72
CA MET B 154 -4.05 17.90 -12.14
C MET B 154 -3.03 17.65 -13.21
N ASN B 155 -3.51 17.36 -14.43
CA ASN B 155 -2.61 17.04 -15.51
C ASN B 155 -1.75 18.28 -15.67
N LYS B 156 -2.40 19.44 -15.65
CA LYS B 156 -1.72 20.72 -15.79
C LYS B 156 -0.76 20.97 -14.63
N GLU B 157 -1.12 20.51 -13.44
CA GLU B 157 -0.36 20.85 -12.25
C GLU B 157 1.06 20.39 -12.35
N LEU B 158 1.28 19.18 -12.85
CA LEU B 158 2.64 18.68 -12.88
C LEU B 158 3.47 19.54 -13.82
N LYS B 159 2.87 20.05 -14.89
CA LYS B 159 3.60 20.84 -15.89
C LYS B 159 4.15 22.14 -15.31
N LYS B 160 3.33 22.84 -14.51
CA LYS B 160 3.81 24.07 -13.88
C LYS B 160 4.97 23.61 -13.01
N ILE B 161 4.78 22.43 -12.42
CA ILE B 161 5.82 21.84 -11.58
C ILE B 161 6.98 21.52 -12.49
N ILE B 162 6.67 21.11 -13.72
CA ILE B 162 7.68 20.68 -14.67
C ILE B 162 8.54 21.86 -15.05
N GLY B 163 7.94 23.05 -15.20
CA GLY B 163 8.77 24.17 -15.65
C GLY B 163 9.86 24.43 -14.65
N GLN B 164 9.54 24.33 -13.35
CA GLN B 164 10.55 24.50 -12.30
C GLN B 164 11.57 23.36 -12.39
N VAL B 165 11.06 22.12 -12.47
CA VAL B 165 11.94 20.96 -12.52
C VAL B 165 12.84 21.05 -13.72
N ARG B 166 12.44 21.82 -14.73
CA ARG B 166 13.21 21.89 -15.97
C ARG B 166 14.46 22.67 -15.72
N ASP B 167 14.33 23.81 -15.02
CA ASP B 167 15.49 24.63 -14.71
C ASP B 167 16.39 23.74 -13.89
N GLN B 168 15.76 22.85 -13.14
CA GLN B 168 16.47 21.88 -12.34
C GLN B 168 17.18 20.80 -13.18
N ALA B 169 16.48 20.15 -14.13
CA ALA B 169 16.98 18.93 -14.81
C ALA B 169 17.47 19.01 -16.24
N GLU B 170 18.52 18.26 -16.57
CA GLU B 170 19.01 18.15 -17.96
C GLU B 170 18.02 17.41 -18.86
N HIS B 171 17.35 16.36 -18.37
CA HIS B 171 16.44 15.56 -19.24
C HIS B 171 15.03 15.63 -18.73
N LEU B 172 14.12 16.09 -19.58
CA LEU B 172 12.72 16.28 -19.21
C LEU B 172 12.06 15.00 -18.72
N LYS B 173 12.34 13.89 -19.39
CA LYS B 173 11.64 12.66 -19.05
C LYS B 173 11.90 12.28 -17.61
N THR B 174 13.17 12.36 -17.22
CA THR B 174 13.56 12.05 -15.85
C THR B 174 12.89 13.06 -14.95
N ALA B 175 12.83 14.31 -15.41
CA ALA B 175 12.30 15.41 -14.63
C ALA B 175 10.84 15.19 -14.30
N VAL B 176 10.09 14.69 -15.27
CA VAL B 176 8.67 14.47 -15.07
C VAL B 176 8.59 13.45 -13.96
N GLN B 177 9.44 12.42 -14.06
CA GLN B 177 9.46 11.35 -13.07
C GLN B 177 9.74 12.00 -11.72
N MET B 178 10.66 12.96 -11.72
CA MET B 178 11.05 13.65 -10.48
C MET B 178 9.84 14.36 -9.88
N ALA B 179 9.00 14.98 -10.71
CA ALA B 179 7.89 15.78 -10.22
C ALA B 179 6.95 14.96 -9.36
N VAL B 180 6.85 13.67 -9.67
CA VAL B 180 5.89 12.79 -9.00
C VAL B 180 6.22 12.46 -7.56
N PHE B 181 7.48 12.15 -7.23
CA PHE B 181 7.77 11.70 -5.85
C PHE B 181 7.34 12.86 -5.01
N ILE B 182 7.60 14.04 -5.54
CA ILE B 182 7.20 15.27 -4.87
C ILE B 182 5.69 15.42 -4.89
N HIS B 183 5.08 15.12 -6.04
CA HIS B 183 3.65 15.38 -6.15
C HIS B 183 2.94 14.60 -5.06
N ASN B 184 3.38 13.37 -4.91
CA ASN B 184 2.82 12.52 -3.87
C ASN B 184 3.15 13.10 -2.51
N HIS B 185 4.40 13.56 -2.35
CA HIS B 185 4.86 14.02 -1.05
C HIS B 185 4.11 15.21 -0.47
N LYS B 186 3.72 16.17 -1.30
CA LYS B 186 3.06 17.38 -0.78
C LYS B 186 1.69 17.01 -0.24
N ARG B 187 1.28 17.54 0.91
CA ARG B 187 -0.07 17.27 1.44
C ARG B 187 -0.94 18.53 1.34
N LYS B 188 -2.06 18.44 0.63
CA LYS B 188 -3.02 19.55 0.55
C LYS B 188 -3.77 19.81 1.86
N GLY B 189 -4.11 18.76 2.60
CA GLY B 189 -4.98 18.89 3.76
C GLY B 189 -4.63 19.67 5.01
N GLY B 190 -3.43 19.49 5.60
CA GLY B 190 -3.16 20.09 6.91
C GLY B 190 -1.71 20.31 7.30
N ILE B 191 -1.45 20.84 8.51
CA ILE B 191 -0.08 20.91 9.00
C ILE B 191 0.16 19.43 9.36
N GLY B 192 -0.89 18.74 9.82
CA GLY B 192 -0.87 17.27 9.96
C GLY B 192 -1.11 16.83 8.52
N GLY B 193 -0.62 15.69 8.02
CA GLY B 193 -0.74 15.45 6.59
C GLY B 193 -1.84 14.55 6.09
N TYR B 194 -2.61 15.05 5.11
CA TYR B 194 -3.64 14.28 4.43
C TYR B 194 -3.33 14.45 2.93
N SER B 195 -2.07 14.19 2.56
CA SER B 195 -1.63 14.24 1.14
C SER B 195 -2.30 13.09 0.44
N ALA B 196 -2.72 13.24 -0.83
CA ALA B 196 -3.32 12.11 -1.55
C ALA B 196 -2.26 11.03 -1.67
N GLY B 197 -0.99 11.43 -1.89
CA GLY B 197 0.10 10.47 -1.97
C GLY B 197 0.16 9.72 -0.66
N GLU B 198 0.00 10.44 0.44
CA GLU B 198 -0.04 9.82 1.76
C GLU B 198 -1.28 8.92 1.84
N ARG B 199 -2.42 9.41 1.35
CA ARG B 199 -3.71 8.70 1.48
C ARG B 199 -3.71 7.28 0.96
N ILE B 200 -2.96 7.01 -0.10
CA ILE B 200 -3.05 5.72 -0.77
C ILE B 200 -2.68 4.50 0.05
N VAL B 201 -1.64 4.54 0.89
CA VAL B 201 -1.27 3.29 1.57
C VAL B 201 -2.40 2.91 2.50
N ASP B 202 -3.02 3.91 3.12
CA ASP B 202 -4.17 3.68 3.98
C ASP B 202 -5.36 3.26 3.16
N ILE B 203 -5.52 3.87 2.00
CA ILE B 203 -6.70 3.60 1.18
C ILE B 203 -6.60 2.14 0.81
N ILE B 204 -5.36 1.73 0.54
CA ILE B 204 -5.11 0.37 0.12
C ILE B 204 -5.45 -0.46 1.33
N ALA B 205 -5.05 0.06 2.48
CA ALA B 205 -5.26 -0.66 3.70
C ALA B 205 -6.74 -0.85 3.95
N THR B 206 -7.53 0.17 3.69
CA THR B 206 -8.93 0.08 4.06
C THR B 206 -9.59 -1.03 3.29
N ASP B 207 -9.34 -1.03 1.98
CA ASP B 207 -10.00 -2.01 1.15
C ASP B 207 -9.50 -3.38 1.56
N ILE B 208 -8.24 -3.45 1.97
CA ILE B 208 -7.64 -4.75 2.29
C ILE B 208 -8.34 -5.33 3.48
N GLN B 209 -8.58 -4.47 4.47
CA GLN B 209 -9.17 -4.94 5.69
C GLN B 209 -10.58 -5.35 5.33
N THR B 210 -11.17 -4.64 4.38
CA THR B 210 -12.56 -4.91 4.07
C THR B 210 -12.74 -6.32 3.61
N LYS B 211 -11.85 -6.77 2.75
CA LYS B 211 -12.03 -8.10 2.18
C LYS B 211 -11.91 -9.21 3.20
N GLU B 212 -10.89 -9.15 4.04
CA GLU B 212 -10.70 -10.30 4.92
C GLU B 212 -11.91 -10.39 5.79
N LEU B 213 -12.40 -9.23 6.20
CA LEU B 213 -13.55 -9.15 7.05
C LEU B 213 -14.82 -9.48 6.29
N GLN B 214 -14.89 -9.04 5.04
CA GLN B 214 -16.10 -9.22 4.27
C GLN B 214 -16.28 -10.69 4.13
N LYS B 215 -15.17 -11.38 3.88
CA LYS B 215 -15.21 -12.82 3.72
C LYS B 215 -15.67 -13.40 5.03
N GLN B 216 -15.23 -12.79 6.14
CA GLN B 216 -15.62 -13.36 7.41
C GLN B 216 -17.09 -13.17 7.42
N ILE B 217 -17.49 -12.04 6.86
CA ILE B 217 -18.88 -11.70 6.89
C ILE B 217 -19.60 -12.71 6.05
N THR B 218 -18.99 -13.16 4.94
CA THR B 218 -19.71 -14.08 4.07
C THR B 218 -19.81 -15.40 4.78
N LYS B 219 -18.70 -15.85 5.35
CA LYS B 219 -18.67 -17.15 6.00
C LYS B 219 -19.70 -17.09 7.10
N ILE B 220 -19.77 -15.92 7.71
CA ILE B 220 -20.69 -15.66 8.80
C ILE B 220 -22.11 -15.60 8.26
N GLN B 221 -22.28 -14.90 7.13
CA GLN B 221 -23.60 -14.64 6.61
C GLN B 221 -24.27 -15.96 6.38
N ASN B 222 -23.50 -16.90 5.84
CA ASN B 222 -24.08 -18.18 5.51
C ASN B 222 -24.46 -18.90 6.79
N PHE B 223 -23.63 -18.81 7.83
CA PHE B 223 -23.87 -19.62 9.03
C PHE B 223 -25.12 -19.07 9.69
N ARG B 224 -26.09 -19.92 10.12
CA ARG B 224 -27.36 -19.39 10.69
C ARG B 224 -27.81 -20.12 11.93
N VAL B 225 -28.77 -19.54 12.66
CA VAL B 225 -29.24 -20.09 13.96
C VAL B 225 -30.71 -19.80 14.29
N TYR B 226 -31.41 -20.77 14.86
CA TYR B 226 -32.81 -20.63 15.30
C TYR B 226 -32.87 -20.02 16.70
N TYR B 227 -34.02 -19.46 17.09
CA TYR B 227 -34.24 -18.89 18.44
C TYR B 227 -35.48 -19.55 18.99
N ARG B 228 -35.42 -20.06 20.23
CA ARG B 228 -36.58 -20.62 20.93
C ARG B 228 -37.64 -19.58 21.27
N ASP B 229 -37.21 -18.36 21.64
CA ASP B 229 -38.09 -17.28 22.18
C ASP B 229 -38.72 -17.91 23.43
N SER B 230 -40.05 -17.85 23.63
CA SER B 230 -40.65 -18.58 24.75
C SER B 230 -40.68 -20.02 24.24
N ARG B 231 -40.56 -21.01 25.13
CA ARG B 231 -40.45 -22.37 24.63
C ARG B 231 -41.73 -22.80 23.92
N ASP B 232 -42.89 -22.59 24.57
CA ASP B 232 -44.21 -23.05 24.05
C ASP B 232 -44.57 -22.35 22.74
N PRO B 233 -44.23 -21.04 22.63
CA PRO B 233 -44.49 -20.29 21.40
C PRO B 233 -43.56 -21.00 20.43
N VAL B 234 -43.85 -20.94 19.12
CA VAL B 234 -43.11 -21.76 18.14
C VAL B 234 -41.71 -21.27 18.32
N TRP B 235 -40.76 -22.19 18.39
CA TRP B 235 -39.43 -21.78 18.80
C TRP B 235 -38.97 -20.59 18.04
N LYS B 236 -38.96 -20.68 16.71
CA LYS B 236 -38.24 -19.64 15.96
C LYS B 236 -38.58 -19.21 14.57
N GLY B 237 -37.59 -18.45 14.04
CA GLY B 237 -37.46 -18.12 12.62
C GLY B 237 -35.92 -18.03 12.70
N PRO B 238 -35.10 -18.86 12.05
CA PRO B 238 -33.65 -18.74 12.22
C PRO B 238 -33.16 -17.43 11.65
N ALA B 239 -32.32 -16.69 12.39
CA ALA B 239 -31.75 -15.41 11.91
C ALA B 239 -30.22 -15.49 11.94
N LYS B 240 -29.53 -14.81 11.02
CA LYS B 240 -28.05 -14.83 10.91
C LYS B 240 -27.43 -14.23 12.17
N LEU B 241 -26.49 -14.95 12.79
CA LEU B 241 -25.91 -14.49 14.05
C LEU B 241 -24.97 -13.34 13.86
N LEU B 242 -25.13 -12.33 14.69
CA LEU B 242 -24.26 -11.18 14.67
C LEU B 242 -22.94 -11.50 15.38
N TRP B 243 -22.95 -12.47 16.31
CA TRP B 243 -21.74 -12.74 17.09
C TRP B 243 -21.83 -13.99 17.95
N LYS B 244 -20.67 -14.47 18.41
CA LYS B 244 -20.62 -15.62 19.30
C LYS B 244 -19.88 -15.21 20.56
N GLY B 245 -20.38 -15.62 21.73
CA GLY B 245 -19.75 -15.36 23.02
C GLY B 245 -20.01 -16.62 23.83
N GLU B 246 -19.31 -16.90 24.92
CA GLU B 246 -19.58 -18.17 25.59
C GLU B 246 -20.93 -18.10 26.28
N GLY B 247 -21.68 -19.21 26.27
CA GLY B 247 -22.95 -19.29 26.94
C GLY B 247 -23.99 -18.40 26.31
N ALA B 248 -23.69 -17.83 25.14
CA ALA B 248 -24.61 -16.92 24.45
C ALA B 248 -24.23 -16.69 22.99
N VAL B 249 -25.06 -15.97 22.23
CA VAL B 249 -24.73 -15.63 20.84
C VAL B 249 -25.54 -14.39 20.47
N VAL B 250 -24.95 -13.45 19.73
CA VAL B 250 -25.70 -12.28 19.29
C VAL B 250 -26.25 -12.68 17.93
N ILE B 251 -27.55 -12.49 17.70
CA ILE B 251 -28.20 -12.81 16.41
C ILE B 251 -29.20 -11.70 16.14
N GLN B 252 -29.60 -11.40 14.90
CA GLN B 252 -30.69 -10.43 14.59
C GLN B 252 -31.65 -11.04 13.58
N ASP B 253 -32.97 -10.87 13.69
CA ASP B 253 -33.87 -11.29 12.58
C ASP B 253 -33.67 -10.07 11.71
N ASN B 254 -34.13 -9.98 10.46
CA ASN B 254 -33.86 -8.70 9.80
C ASN B 254 -35.00 -7.81 10.20
N SER B 255 -35.55 -8.11 11.37
CA SER B 255 -36.62 -7.32 11.92
C SER B 255 -36.23 -6.72 13.28
N ASP B 256 -35.23 -7.28 13.98
CA ASP B 256 -34.87 -6.81 15.33
C ASP B 256 -33.52 -7.29 15.86
N ILE B 257 -32.66 -6.40 16.37
CA ILE B 257 -31.31 -6.76 16.86
C ILE B 257 -31.49 -7.64 18.10
N LYS B 258 -31.08 -8.92 18.03
CA LYS B 258 -31.34 -9.89 19.12
C LYS B 258 -30.13 -10.48 19.86
N VAL B 259 -30.34 -11.09 21.04
CA VAL B 259 -29.27 -11.72 21.85
C VAL B 259 -29.84 -12.93 22.62
N VAL B 260 -29.01 -13.95 22.93
CA VAL B 260 -29.51 -15.18 23.60
C VAL B 260 -28.41 -16.10 24.19
N PRO B 261 -28.79 -17.08 25.07
CA PRO B 261 -27.87 -18.03 25.70
C PRO B 261 -27.42 -19.13 24.74
N ARG B 262 -26.36 -19.87 25.11
CA ARG B 262 -25.82 -20.95 24.29
C ARG B 262 -26.84 -22.09 24.18
N ARG B 263 -27.47 -22.39 25.31
CA ARG B 263 -28.42 -23.48 25.37
C ARG B 263 -29.56 -23.24 24.40
N LYS B 264 -30.06 -22.02 24.32
CA LYS B 264 -31.21 -21.75 23.47
C LYS B 264 -31.10 -22.13 22.02
N ALA B 265 -29.88 -22.29 21.46
CA ALA B 265 -29.75 -22.58 20.02
C ALA B 265 -28.41 -23.19 19.55
N LYS B 266 -28.45 -24.04 18.51
CA LYS B 266 -27.24 -24.67 17.90
C LYS B 266 -27.06 -23.95 16.55
N ILE B 267 -25.87 -24.00 15.95
CA ILE B 267 -25.54 -23.17 14.77
C ILE B 267 -24.69 -23.79 13.65
N ILE B 268 -25.30 -24.44 12.67
CA ILE B 268 -24.56 -24.92 11.49
C ILE B 268 -25.05 -23.98 10.41
N ARG B 269 -24.38 -23.88 9.26
CA ARG B 269 -24.80 -22.91 8.24
C ARG B 269 -26.29 -23.21 8.02
N ASP B 270 -27.15 -22.20 7.82
CA ASP B 270 -28.60 -22.53 7.66
C ASP B 270 -28.62 -23.46 6.49
N TYR B 271 -28.11 -22.96 5.36
CA TYR B 271 -27.91 -23.85 4.23
C TYR B 271 -26.52 -24.26 4.78
N GLY B 272 -26.49 -25.41 5.47
CA GLY B 272 -25.35 -25.85 6.28
C GLY B 272 -24.20 -26.69 5.80
N LYS B 273 -23.01 -26.37 6.29
CA LYS B 273 -21.83 -27.19 6.10
C LYS B 273 -21.67 -27.70 4.68
N GLN B 274 -22.11 -26.91 3.70
CA GLN B 274 -21.83 -27.34 2.33
C GLN B 274 -20.30 -27.35 2.25
N MET B 275 -19.70 -28.49 1.87
CA MET B 275 -18.23 -28.52 1.72
C MET B 275 -17.87 -27.22 1.02
N ALA B 276 -18.60 -26.91 -0.08
CA ALA B 276 -18.42 -25.70 -0.89
C ALA B 276 -17.09 -25.73 -1.64
C1 LF0 C . -0.04 -7.90 -27.09
C2 LF0 C . 1.28 -7.69 -27.54
C3 LF0 C . 1.50 -7.40 -28.91
N1 LF0 C . 0.46 -7.33 -29.75
C5 LF0 C . -0.81 -7.53 -29.38
C6 LF0 C . -1.07 -7.81 -28.04
C7 LF0 C . -0.32 -8.16 -25.76
C8 LF0 C . -0.91 -7.15 -24.97
C9 LF0 C . -1.16 -7.35 -23.61
C10 LF0 C . -0.81 -8.51 -22.97
C11 LF0 C . -0.29 -9.58 -23.71
C12 LF0 C . -0.05 -9.36 -25.10
C13 LF0 C . -2.42 -7.99 -27.71
C14 LF0 C . -3.45 -7.90 -28.64
C15 LF0 C . -3.15 -7.63 -29.98
C16 LF0 C . -1.82 -7.44 -30.34
C17 LF0 C . 2.74 -7.17 -29.48
C18 LF0 C . 2.33 -7.75 -26.64
C19 LF0 C . 3.13 -9.06 -26.72
O20 LF0 C . 4.32 -9.05 -26.34
O21 LF0 C . 2.52 -10.07 -27.13
O22 LF0 C . 3.31 -6.69 -26.78
C23 LF0 C . 3.10 -5.42 -26.14
C24 LF0 C . 3.01 -5.54 -24.62
C25 LF0 C . 4.30 -4.53 -26.49
C26 LF0 C . 1.84 -4.76 -26.68
O27 LF0 C . -1.11 -8.67 -21.64
C4 LF0 C . -0.62 -9.80 -20.90
C20 LF0 C . -0.66 -11.06 -21.78
C21 LF0 C . 0.04 -10.78 -23.10
H1 LF0 C . -1.17 -6.20 -25.43
H2 LF0 C . -1.55 -6.52 -23.03
H3 LF0 C . 0.37 -10.17 -25.66
H4 LF0 C . -2.70 -8.24 -26.68
H5 LF0 C . -4.48 -8.05 -28.34
H6 LF0 C . -3.95 -7.57 -30.72
H7 LF0 C . -1.58 -7.22 -31.37
H8 LF0 C . 3.46 -7.90 -29.13
H9 LF0 C . 3.09 -6.17 -29.22
H10 LF0 C . 2.65 -7.25 -30.57
H11 LF0 C . 1.92 -7.68 -25.63
H13 LF0 C . 3.90 -6.08 -24.30
H14 LF0 C . 2.94 -4.51 -24.25
H15 LF0 C . 2.12 -6.14 -24.42
H16 LF0 C . 5.17 -5.01 -26.06
H17 LF0 C . 4.46 -4.52 -27.57
H18 LF0 C . 4.27 -3.54 -26.03
H19 LF0 C . 0.96 -5.31 -26.36
H20 LF0 C . 1.87 -4.74 -27.78
H21 LF0 C . 1.78 -3.73 -26.33
H22 LF0 C . -1.24 -9.96 -20.03
H23 LF0 C . 0.40 -9.61 -20.59
H24 LF0 C . -0.18 -11.83 -21.18
H25 LF0 C . -1.72 -11.25 -21.96
H26 LF0 C . -0.32 -11.59 -23.76
H27 LF0 C . 1.10 -10.87 -22.87
C1 LF0 D . 22.31 12.80 -14.44
C2 LF0 D . 21.85 12.80 -15.77
C3 LF0 D . 22.81 12.81 -16.81
N1 LF0 D . 24.12 12.84 -16.52
C5 LF0 D . 24.60 12.85 -15.28
C6 LF0 D . 23.70 12.82 -14.21
C7 LF0 D . 21.40 12.75 -13.40
C8 LF0 D . 21.32 11.58 -12.62
C9 LF0 D . 20.38 11.45 -11.58
C10 LF0 D . 19.45 12.44 -11.32
C11 LF0 D . 19.53 13.65 -12.01
C12 LF0 D . 20.51 13.76 -13.04
C13 LF0 D . 24.28 12.84 -12.93
C14 LF0 D . 25.65 12.87 -12.73
C15 LF0 D . 26.53 12.90 -13.80
C16 LF0 D . 25.98 12.88 -15.08
C17 LF0 D . 22.50 12.78 -18.16
C18 LF0 D . 20.50 12.71 -16.04
C19 LF0 D . 19.84 14.05 -16.44
O20 LF0 D . 18.70 14.01 -16.93
O21 LF0 D . 20.46 15.10 -16.22
O22 LF0 D . 20.15 11.81 -17.11
C23 LF0 D . 19.77 10.46 -16.80
C24 LF0 D . 18.56 10.38 -15.87
C25 LF0 D . 19.43 9.76 -18.12
C26 LF0 D . 20.95 9.73 -16.15
O27 LF0 D . 18.58 12.28 -10.29
C4 LF0 D . 17.50 13.20 -10.11
C20 LF0 D . 17.97 14.64 -10.36
C21 LF0 D . 18.66 14.69 -11.72
H1 LF0 D . 21.98 10.75 -12.82
H2 LF0 D . 20.39 10.55 -10.97
H3 LF0 D . 20.55 14.70 -13.58
H4 LF0 D . 23.63 12.86 -12.06
H5 LF0 D . 26.04 12.88 -11.71
H6 LF0 D . 27.61 12.93 -13.65
H7 LF0 D . 26.66 12.91 -15.95
H8 LF0 D . 23.40 13.02 -18.74
H9 LF0 D . 21.97 11.90 -18.51
H10 LF0 D . 21.83 13.62 -18.33
H11 LF0 D . 19.99 12.36 -15.15
H13 LF0 D . 18.80 10.80 -14.89
H14 LF0 D . 18.26 9.34 -15.74
H15 LF0 D . 17.73 10.94 -16.31
H16 LF0 D . 18.59 10.25 -18.60
H17 LF0 D . 19.20 8.71 -17.93
H18 LF0 D . 20.29 9.81 -18.78
H19 LF0 D . 20.70 8.69 -15.99
H20 LF0 D . 21.19 10.19 -15.19
H21 LF0 D . 21.82 9.80 -16.80
H22 LF0 D . 17.10 13.13 -9.10
H23 LF0 D . 16.70 12.95 -10.81
H24 LF0 D . 17.08 15.26 -10.30
H25 LF0 D . 18.71 14.85 -9.58
H26 LF0 D . 17.89 14.72 -12.50
H27 LF0 D . 19.23 15.63 -11.77
#